data_5SCU
#
_entry.id   5SCU
#
_cell.length_a   30.260
_cell.length_b   66.020
_cell.length_c   77.920
_cell.angle_alpha   90.000
_cell.angle_beta   90.000
_cell.angle_gamma   90.000
#
_symmetry.space_group_name_H-M   'P 21 21 21'
#
loop_
_entity.id
_entity.type
_entity.pdbx_description
1 polymer 'Dihydrofolate reductase'
2 non-polymer 'NADP NICOTINAMIDE-ADENINE-DINUCLEOTIDE PHOSPHATE'
3 non-polymer '4-(3-{4-[(2,4-diamino-6-ethylpyrimidin-5-yl)oxy]butoxy}phenyl)butanoic acid'
4 water water
#
_entity_poly.entity_id   1
_entity_poly.type   'polypeptide(L)'
_entity_poly.pdbx_seq_one_letter_code
;MGSSHHHHHHSSGLVPRGSHMVGLIWAQATSGVIGRGGDIPWRLPEDQAHFREITMGHTIVMGRRTWDSLPAKVRPLPGR
RNVVLSRQADFMASGAEVVGSLEEALTSPETWVIGGGQVYALALPYATRCEVTEVDIGLPREAGDALAPVLDETWRGETG
EWRFSRSGLRYRLYSYHRS
;
_entity_poly.pdbx_strand_id   A
#
loop_
_chem_comp.id
_chem_comp.type
_chem_comp.name
_chem_comp.formula
H0I non-polymer '4-(3-{4-[(2,4-diamino-6-ethylpyrimidin-5-yl)oxy]butoxy}phenyl)butanoic acid' 'C20 H28 N4 O4'
NAP non-polymer 'NADP NICOTINAMIDE-ADENINE-DINUCLEOTIDE PHOSPHATE' 'C21 H28 N7 O17 P3'
#
# COMPACT_ATOMS: atom_id res chain seq x y z
N LEU A 14 16.65 4.28 12.09
CA LEU A 14 15.77 5.33 12.61
C LEU A 14 14.69 4.77 13.55
N VAL A 15 14.19 3.57 13.24
CA VAL A 15 13.08 2.98 13.96
C VAL A 15 13.65 2.15 15.11
N PRO A 16 13.33 2.46 16.37
CA PRO A 16 13.70 1.56 17.47
C PRO A 16 13.11 0.18 17.23
N ARG A 17 13.90 -0.85 17.53
CA ARG A 17 13.50 -2.19 17.11
C ARG A 17 12.39 -2.76 17.98
N GLY A 18 12.14 -2.17 19.14
CA GLY A 18 11.03 -2.60 19.96
C GLY A 18 9.70 -1.96 19.62
N SER A 19 9.69 -1.00 18.69
CA SER A 19 8.47 -0.30 18.34
CA SER A 19 8.47 -0.30 18.33
C SER A 19 7.79 -1.01 17.17
N HIS A 20 6.70 -0.41 16.66
CA HIS A 20 5.94 -0.99 15.55
C HIS A 20 5.56 0.16 14.62
N MET A 21 6.48 0.52 13.73
CA MET A 21 6.20 1.53 12.72
C MET A 21 5.29 0.93 11.67
N VAL A 22 4.16 1.59 11.41
CA VAL A 22 3.21 1.16 10.40
C VAL A 22 3.15 2.22 9.32
N GLY A 23 3.43 1.83 8.08
CA GLY A 23 3.30 2.72 6.95
C GLY A 23 2.27 2.21 5.96
N LEU A 24 1.67 3.14 5.22
CA LEU A 24 0.78 2.84 4.11
C LEU A 24 1.46 3.28 2.82
N ILE A 25 1.38 2.46 1.79
CA ILE A 25 1.95 2.84 0.50
C ILE A 25 0.93 2.52 -0.58
N TRP A 26 0.62 3.52 -1.42
CA TRP A 26 -0.34 3.32 -2.50
C TRP A 26 -0.06 4.29 -3.64
N ALA A 27 -0.63 3.98 -4.81
CA ALA A 27 -0.66 4.89 -5.94
C ALA A 27 -2.12 5.21 -6.25
N GLN A 28 -2.40 6.48 -6.51
CA GLN A 28 -3.77 6.91 -6.77
C GLN A 28 -3.86 7.80 -7.98
N ALA A 29 -5.01 7.77 -8.64
CA ALA A 29 -5.36 8.84 -9.57
C ALA A 29 -5.60 10.12 -8.78
N THR A 30 -5.67 11.25 -9.48
CA THR A 30 -5.92 12.52 -8.81
C THR A 30 -7.19 12.47 -7.98
N SER A 31 -8.20 11.76 -8.49
CA SER A 31 -9.49 11.64 -7.80
C SER A 31 -9.43 10.83 -6.52
N GLY A 32 -8.38 10.04 -6.30
CA GLY A 32 -8.32 9.13 -5.19
C GLY A 32 -8.61 7.68 -5.54
N VAL A 33 -9.03 7.41 -6.78
CA VAL A 33 -9.24 6.02 -7.19
C VAL A 33 -7.93 5.28 -7.13
N ILE A 34 -7.93 4.11 -6.46
CA ILE A 34 -6.77 3.24 -6.45
C ILE A 34 -7.02 1.89 -7.13
N GLY A 35 -8.27 1.45 -7.22
CA GLY A 35 -8.53 0.13 -7.76
C GLY A 35 -9.89 0.09 -8.42
N ARG A 36 -10.01 -0.77 -9.42
CA ARG A 36 -11.21 -0.82 -10.26
C ARG A 36 -11.21 -2.14 -11.01
N GLY A 37 -12.34 -2.83 -11.04
CA GLY A 37 -12.40 -4.11 -11.76
C GLY A 37 -11.39 -5.13 -11.28
N GLY A 38 -10.99 -5.06 -10.01
CA GLY A 38 -10.01 -5.99 -9.46
C GLY A 38 -8.59 -5.74 -9.91
N ASP A 39 -8.27 -4.54 -10.37
CA ASP A 39 -6.95 -4.22 -10.90
C ASP A 39 -6.65 -2.76 -10.58
N ILE A 40 -5.45 -2.33 -10.95
CA ILE A 40 -5.06 -0.92 -10.90
C ILE A 40 -5.27 -0.34 -12.31
N PRO A 41 -6.00 0.78 -12.45
CA PRO A 41 -6.42 1.20 -13.81
C PRO A 41 -5.39 2.06 -14.55
N TRP A 42 -4.11 1.77 -14.38
CA TRP A 42 -3.01 2.35 -15.14
C TRP A 42 -1.82 1.43 -14.98
N ARG A 43 -0.75 1.72 -15.73
CA ARG A 43 0.51 0.98 -15.59
C ARG A 43 1.65 1.98 -15.50
N LEU A 44 2.51 1.82 -14.49
CA LEU A 44 3.53 2.82 -14.20
C LEU A 44 4.76 2.09 -13.65
N PRO A 45 5.65 1.64 -14.54
CA PRO A 45 6.83 0.87 -14.07
C PRO A 45 7.70 1.65 -13.11
N GLU A 46 7.78 2.98 -13.25
CA GLU A 46 8.53 3.78 -12.29
C GLU A 46 7.96 3.63 -10.89
N ASP A 47 6.64 3.53 -10.78
CA ASP A 47 6.03 3.36 -9.46
C ASP A 47 6.19 1.93 -8.95
N GLN A 48 6.18 0.95 -9.86
CA GLN A 48 6.51 -0.42 -9.45
C GLN A 48 7.87 -0.47 -8.77
N ALA A 49 8.87 0.20 -9.37
CA ALA A 49 10.21 0.22 -8.78
C ALA A 49 10.22 0.96 -7.46
N HIS A 50 9.51 2.10 -7.40
CA HIS A 50 9.40 2.85 -6.16
C HIS A 50 8.77 2.01 -5.06
N PHE A 51 7.73 1.25 -5.39
CA PHE A 51 7.07 0.40 -4.41
C PHE A 51 8.01 -0.67 -3.86
N ARG A 52 8.79 -1.30 -4.75
CA ARG A 52 9.78 -2.28 -4.31
C ARG A 52 10.82 -1.64 -3.40
N GLU A 53 11.27 -0.44 -3.76
CA GLU A 53 12.30 0.25 -3.01
C GLU A 53 11.87 0.51 -1.57
N ILE A 54 10.63 0.94 -1.38
CA ILE A 54 10.17 1.28 -0.03
C ILE A 54 9.93 0.01 0.80
N THR A 55 9.38 -1.02 0.18
CA THR A 55 8.89 -2.17 0.94
C THR A 55 9.93 -3.26 1.16
N MET A 56 11.01 -3.27 0.38
CA MET A 56 11.96 -4.38 0.40
C MET A 56 12.52 -4.62 1.79
N GLY A 57 12.56 -5.89 2.19
CA GLY A 57 13.14 -6.29 3.46
C GLY A 57 12.24 -6.09 4.65
N HIS A 58 11.02 -5.61 4.45
CA HIS A 58 10.08 -5.41 5.56
C HIS A 58 8.91 -6.38 5.44
N THR A 59 8.11 -6.42 6.50
CA THR A 59 6.84 -7.12 6.46
C THR A 59 5.84 -6.28 5.69
N ILE A 60 5.08 -6.93 4.80
CA ILE A 60 4.03 -6.26 4.04
C ILE A 60 2.70 -6.91 4.38
N VAL A 61 1.68 -6.09 4.55
CA VAL A 61 0.34 -6.54 4.92
C VAL A 61 -0.63 -6.12 3.82
N MET A 62 -1.44 -7.06 3.36
CA MET A 62 -2.39 -6.76 2.29
C MET A 62 -3.70 -7.51 2.53
N GLY A 63 -4.78 -6.93 2.04
CA GLY A 63 -6.03 -7.65 2.03
C GLY A 63 -6.03 -8.77 1.01
N ARG A 64 -6.95 -9.72 1.21
CA ARG A 64 -7.02 -10.89 0.36
C ARG A 64 -7.18 -10.49 -1.11
N ARG A 65 -8.02 -9.50 -1.39
CA ARG A 65 -8.25 -9.12 -2.79
C ARG A 65 -6.99 -8.56 -3.42
N THR A 66 -6.15 -7.89 -2.64
CA THR A 66 -4.88 -7.39 -3.17
C THR A 66 -3.92 -8.54 -3.45
N TRP A 67 -3.88 -9.55 -2.57
CA TRP A 67 -3.12 -10.75 -2.87
C TRP A 67 -3.55 -11.35 -4.21
N ASP A 68 -4.86 -11.52 -4.39
CA ASP A 68 -5.37 -12.05 -5.66
C ASP A 68 -4.88 -11.26 -6.86
N SER A 69 -4.71 -9.94 -6.69
CA SER A 69 -4.38 -9.06 -7.79
C SER A 69 -2.88 -9.01 -8.10
N LEU A 70 -2.04 -9.59 -7.25
CA LEU A 70 -0.61 -9.58 -7.49
C LEU A 70 -0.28 -10.33 -8.78
N PRO A 71 0.65 -9.82 -9.60
CA PRO A 71 1.11 -10.60 -10.75
C PRO A 71 1.68 -11.93 -10.28
N ALA A 72 1.37 -12.99 -11.02
CA ALA A 72 1.70 -14.33 -10.56
C ALA A 72 3.20 -14.51 -10.34
N LYS A 73 4.02 -13.85 -11.17
CA LYS A 73 5.46 -14.01 -11.09
C LYS A 73 6.04 -13.38 -9.83
N VAL A 74 5.30 -12.52 -9.15
CA VAL A 74 5.75 -11.91 -7.90
C VAL A 74 4.71 -12.14 -6.82
N ARG A 75 4.14 -13.34 -6.79
CA ARG A 75 3.22 -13.71 -5.75
C ARG A 75 3.69 -15.00 -5.07
N PRO A 76 4.26 -14.89 -3.84
CA PRO A 76 4.41 -13.71 -2.99
C PRO A 76 5.47 -12.74 -3.52
N LEU A 77 5.43 -11.51 -3.05
CA LEU A 77 6.42 -10.51 -3.41
C LEU A 77 7.76 -10.90 -2.81
N PRO A 78 8.81 -11.07 -3.61
CA PRO A 78 10.09 -11.55 -3.06
C PRO A 78 10.73 -10.55 -2.13
N GLY A 79 11.48 -11.09 -1.16
CA GLY A 79 12.30 -10.29 -0.29
C GLY A 79 11.55 -9.63 0.85
N ARG A 80 10.27 -9.93 0.98
CA ARG A 80 9.39 -9.34 1.98
C ARG A 80 8.56 -10.45 2.61
N ARG A 81 8.24 -10.29 3.89
CA ARG A 81 7.36 -11.23 4.57
C ARG A 81 5.91 -10.86 4.22
N ASN A 82 5.24 -11.72 3.43
CA ASN A 82 3.90 -11.43 2.92
C ASN A 82 2.86 -11.89 3.93
N VAL A 83 2.00 -10.96 4.35
CA VAL A 83 0.93 -11.22 5.32
C VAL A 83 -0.38 -10.85 4.65
N VAL A 84 -1.32 -11.80 4.58
CA VAL A 84 -2.61 -11.59 3.92
C VAL A 84 -3.71 -11.62 4.97
N LEU A 85 -4.56 -10.59 4.98
CA LEU A 85 -5.74 -10.54 5.85
C LEU A 85 -6.94 -11.17 5.14
N SER A 86 -7.57 -12.14 5.78
CA SER A 86 -8.77 -12.78 5.24
C SER A 86 -9.62 -13.30 6.40
N ARG A 87 -10.94 -13.39 6.17
CA ARG A 87 -11.83 -14.10 7.08
C ARG A 87 -12.04 -15.54 6.67
N GLN A 88 -11.39 -15.98 5.59
CA GLN A 88 -11.52 -17.35 5.09
C GLN A 88 -10.40 -18.18 5.71
N ALA A 89 -10.76 -19.01 6.69
CA ALA A 89 -9.74 -19.77 7.40
C ALA A 89 -8.99 -20.72 6.47
N ASP A 90 -9.63 -21.18 5.40
CA ASP A 90 -9.01 -22.14 4.50
C ASP A 90 -8.35 -21.50 3.29
N PHE A 91 -8.12 -20.20 3.30
CA PHE A 91 -7.57 -19.52 2.13
C PHE A 91 -6.15 -20.00 1.85
N MET A 92 -5.87 -20.31 0.59
CA MET A 92 -4.54 -20.76 0.18
C MET A 92 -3.77 -19.55 -0.35
N ALA A 93 -2.70 -19.18 0.36
CA ALA A 93 -1.79 -18.11 -0.07
C ALA A 93 -0.39 -18.69 0.01
N SER A 94 -0.02 -19.48 -1.00
CA SER A 94 1.26 -20.18 -0.98
C SER A 94 2.41 -19.19 -0.87
N GLY A 95 3.30 -19.44 0.08
CA GLY A 95 4.44 -18.58 0.32
C GLY A 95 4.16 -17.34 1.13
N ALA A 96 2.93 -17.18 1.60
CA ALA A 96 2.54 -16.09 2.51
C ALA A 96 1.95 -16.70 3.77
N GLU A 97 1.51 -15.84 4.68
CA GLU A 97 0.79 -16.27 5.86
C GLU A 97 -0.53 -15.52 5.91
N VAL A 98 -1.58 -16.19 6.39
CA VAL A 98 -2.93 -15.64 6.44
C VAL A 98 -3.29 -15.37 7.89
N VAL A 99 -3.71 -14.14 8.19
CA VAL A 99 -4.19 -13.80 9.52
CA VAL A 99 -4.18 -13.76 9.51
C VAL A 99 -5.63 -13.31 9.41
N GLY A 100 -6.37 -13.51 10.50
CA GLY A 100 -7.79 -13.17 10.53
C GLY A 100 -8.12 -11.85 11.17
N SER A 101 -7.11 -11.10 11.62
CA SER A 101 -7.32 -9.84 12.31
C SER A 101 -6.13 -8.94 12.06
N LEU A 102 -6.34 -7.64 12.26
CA LEU A 102 -5.22 -6.70 12.12
C LEU A 102 -4.19 -6.90 13.22
N GLU A 103 -4.62 -7.29 14.41
CA GLU A 103 -3.72 -7.32 15.57
C GLU A 103 -2.49 -8.20 15.30
N GLU A 104 -2.70 -9.40 14.79
CA GLU A 104 -1.56 -10.28 14.53
C GLU A 104 -0.79 -9.89 13.29
N ALA A 105 -1.26 -8.91 12.52
CA ALA A 105 -0.60 -8.53 11.29
C ALA A 105 0.48 -7.48 11.50
N LEU A 106 0.48 -6.77 12.63
CA LEU A 106 1.35 -5.62 12.84
C LEU A 106 2.36 -5.86 13.96
N THR A 107 2.89 -7.07 14.08
CA THR A 107 3.84 -7.40 15.14
C THR A 107 5.30 -7.10 14.79
N SER A 108 5.60 -6.74 13.54
CA SER A 108 6.97 -6.48 13.13
CA SER A 108 6.98 -6.48 13.13
C SER A 108 7.38 -5.06 13.50
N PRO A 109 8.69 -4.81 13.60
CA PRO A 109 9.12 -3.43 13.89
C PRO A 109 8.77 -2.45 12.78
N GLU A 110 8.77 -2.88 11.52
CA GLU A 110 8.40 -2.03 10.40
C GLU A 110 7.47 -2.80 9.50
N THR A 111 6.28 -2.25 9.27
CA THR A 111 5.27 -2.91 8.46
C THR A 111 4.78 -1.92 7.41
N TRP A 112 4.71 -2.37 6.16
CA TRP A 112 4.08 -1.60 5.09
C TRP A 112 2.78 -2.26 4.66
N VAL A 113 1.69 -1.52 4.81
CA VAL A 113 0.38 -1.92 4.31
C VAL A 113 0.32 -1.54 2.83
N ILE A 114 0.10 -2.53 1.96
CA ILE A 114 0.20 -2.33 0.53
C ILE A 114 -1.15 -2.43 -0.17
N GLY A 115 -2.25 -2.41 0.58
CA GLY A 115 -3.59 -2.39 -0.01
C GLY A 115 -4.52 -3.47 0.51
N GLY A 116 -5.80 -3.42 0.12
CA GLY A 116 -6.32 -2.41 -0.79
C GLY A 116 -7.10 -1.35 -0.03
N GLY A 117 -8.18 -0.87 -0.64
CA GLY A 117 -8.99 0.16 0.00
C GLY A 117 -9.44 -0.20 1.41
N GLN A 118 -9.95 -1.43 1.58
CA GLN A 118 -10.43 -1.84 2.90
C GLN A 118 -9.31 -1.86 3.93
N VAL A 119 -8.16 -2.42 3.55
CA VAL A 119 -7.11 -2.60 4.55
C VAL A 119 -6.38 -1.29 4.83
N TYR A 120 -6.31 -0.35 3.86
CA TYR A 120 -5.80 0.98 4.19
C TYR A 120 -6.66 1.62 5.27
N ALA A 121 -7.99 1.55 5.11
CA ALA A 121 -8.87 2.15 6.10
C ALA A 121 -8.68 1.48 7.46
N LEU A 122 -8.47 0.17 7.46
CA LEU A 122 -8.33 -0.59 8.69
C LEU A 122 -7.06 -0.19 9.46
N ALA A 123 -5.93 -0.06 8.75
CA ALA A 123 -4.63 0.20 9.36
C ALA A 123 -4.37 1.68 9.59
N LEU A 124 -5.07 2.55 8.88
CA LEU A 124 -4.80 3.99 8.93
C LEU A 124 -4.66 4.56 10.35
N PRO A 125 -5.49 4.22 11.33
CA PRO A 125 -5.35 4.85 12.66
C PRO A 125 -3.99 4.64 13.30
N TYR A 126 -3.27 3.58 12.92
CA TYR A 126 -2.02 3.22 13.57
C TYR A 126 -0.80 3.63 12.73
N ALA A 127 -1.04 4.15 11.53
CA ALA A 127 0.05 4.47 10.61
C ALA A 127 0.68 5.81 10.94
N THR A 128 2.00 5.88 10.82
CA THR A 128 2.73 7.13 10.98
C THR A 128 3.48 7.56 9.73
N ARG A 129 3.44 6.77 8.67
CA ARG A 129 4.01 7.14 7.37
C ARG A 129 3.04 6.76 6.27
N CYS A 130 2.96 7.60 5.24
CA CYS A 130 2.30 7.25 3.99
C CYS A 130 3.26 7.62 2.86
N GLU A 131 3.43 6.70 1.91
CA GLU A 131 4.19 6.96 0.69
C GLU A 131 3.18 6.88 -0.45
N VAL A 132 2.86 8.02 -1.06
CA VAL A 132 1.78 8.12 -2.02
C VAL A 132 2.36 8.48 -3.39
N THR A 133 1.99 7.72 -4.41
CA THR A 133 2.22 8.11 -5.79
C THR A 133 0.92 8.68 -6.33
N GLU A 134 0.97 9.91 -6.84
CA GLU A 134 -0.19 10.52 -7.48
C GLU A 134 0.03 10.43 -8.99
N VAL A 135 -0.93 9.81 -9.67
CA VAL A 135 -0.88 9.64 -11.13
C VAL A 135 -1.81 10.66 -11.74
N ASP A 136 -1.28 11.46 -12.67
CA ASP A 136 -2.07 12.55 -13.28
C ASP A 136 -2.94 11.95 -14.38
N ILE A 137 -3.97 11.24 -13.94
CA ILE A 137 -4.92 10.60 -14.83
C ILE A 137 -6.32 10.92 -14.32
N GLY A 138 -7.19 11.35 -15.22
CA GLY A 138 -8.50 11.84 -14.84
C GLY A 138 -9.54 10.75 -14.80
N LEU A 139 -9.51 9.94 -13.73
CA LEU A 139 -10.47 8.86 -13.54
C LEU A 139 -11.47 9.27 -12.48
N PRO A 140 -12.66 9.75 -12.84
CA PRO A 140 -13.63 10.12 -11.81
C PRO A 140 -14.05 8.89 -11.03
N ARG A 141 -14.41 9.10 -9.76
CA ARG A 141 -14.84 8.00 -8.91
C ARG A 141 -16.12 7.36 -9.45
N GLU A 142 -16.15 6.03 -9.44
CA GLU A 142 -17.28 5.25 -9.91
C GLU A 142 -17.71 4.24 -8.87
N ALA A 143 -18.97 3.82 -8.96
CA ALA A 143 -19.48 2.77 -8.07
C ALA A 143 -18.56 1.57 -8.09
N GLY A 144 -18.15 1.12 -6.91
CA GLY A 144 -17.31 -0.05 -6.78
C GLY A 144 -15.82 0.21 -6.73
N ASP A 145 -15.36 1.43 -7.00
CA ASP A 145 -13.92 1.71 -6.98
C ASP A 145 -13.36 1.52 -5.58
N ALA A 146 -12.14 1.02 -5.50
CA ALA A 146 -11.38 1.14 -4.26
C ALA A 146 -10.73 2.52 -4.21
N LEU A 147 -10.72 3.13 -3.03
CA LEU A 147 -10.30 4.52 -2.88
C LEU A 147 -9.18 4.64 -1.86
N ALA A 148 -8.32 5.63 -2.08
CA ALA A 148 -7.29 5.97 -1.10
C ALA A 148 -7.93 6.45 0.19
N PRO A 149 -7.29 6.22 1.33
CA PRO A 149 -7.80 6.74 2.59
C PRO A 149 -7.64 8.25 2.67
N VAL A 150 -8.52 8.89 3.42
CA VAL A 150 -8.45 10.33 3.65
C VAL A 150 -7.51 10.58 4.83
N LEU A 151 -6.54 11.48 4.64
CA LEU A 151 -5.57 11.81 5.68
C LEU A 151 -6.06 13.01 6.47
N ASP A 152 -6.15 12.86 7.80
CA ASP A 152 -6.59 13.94 8.66
C ASP A 152 -5.48 14.98 8.84
N GLU A 153 -5.76 15.97 9.71
CA GLU A 153 -4.90 17.13 9.86
C GLU A 153 -3.63 16.85 10.66
N THR A 154 -3.48 15.67 11.26
CA THR A 154 -2.23 15.34 11.96
C THR A 154 -1.11 15.01 10.99
N TRP A 155 -1.42 14.73 9.73
CA TRP A 155 -0.40 14.39 8.76
C TRP A 155 0.29 15.62 8.20
N ARG A 156 1.57 15.47 7.90
CA ARG A 156 2.34 16.50 7.21
C ARG A 156 3.29 15.78 6.27
N GLY A 157 3.87 16.52 5.33
CA GLY A 157 4.83 15.86 4.47
C GLY A 157 5.27 16.75 3.32
N GLU A 158 5.85 16.10 2.33
CA GLU A 158 6.53 16.75 1.24
C GLU A 158 5.96 16.27 -0.09
N THR A 159 5.82 17.20 -1.03
CA THR A 159 5.30 16.91 -2.36
C THR A 159 6.46 16.97 -3.34
N GLY A 160 6.71 15.87 -4.04
CA GLY A 160 7.74 15.86 -5.05
C GLY A 160 7.28 16.55 -6.33
N GLU A 161 8.24 16.73 -7.25
CA GLU A 161 7.93 17.35 -8.53
C GLU A 161 7.32 16.33 -9.49
N TRP A 162 6.52 16.84 -10.42
CA TRP A 162 6.00 16.00 -11.49
C TRP A 162 7.13 15.45 -12.35
N ARG A 163 6.94 14.22 -12.84
CA ARG A 163 7.84 13.62 -13.81
C ARG A 163 7.00 12.84 -14.81
N PHE A 164 7.50 12.77 -16.04
CA PHE A 164 6.89 11.91 -17.06
C PHE A 164 7.50 10.53 -16.96
N SER A 165 6.65 9.51 -16.92
CA SER A 165 7.15 8.16 -17.14
C SER A 165 7.57 8.00 -18.59
N ARG A 166 8.26 6.89 -18.87
CA ARG A 166 8.64 6.59 -20.24
C ARG A 166 7.45 6.61 -21.20
N SER A 167 6.26 6.23 -20.73
CA SER A 167 5.08 6.19 -21.57
C SER A 167 4.45 7.56 -21.81
N GLY A 168 4.86 8.59 -21.07
CA GLY A 168 4.24 9.89 -21.13
C GLY A 168 3.23 10.15 -20.03
N LEU A 169 2.93 9.14 -19.22
CA LEU A 169 2.07 9.33 -18.06
C LEU A 169 2.82 10.14 -17.01
N ARG A 170 2.15 11.15 -16.44
CA ARG A 170 2.77 12.05 -15.47
C ARG A 170 2.43 11.57 -14.06
N TYR A 171 3.41 11.64 -13.16
CA TYR A 171 3.21 11.21 -11.78
C TYR A 171 4.11 12.00 -10.83
N ARG A 172 3.76 12.01 -9.55
CA ARG A 172 4.64 12.60 -8.55
C ARG A 172 4.49 11.85 -7.22
N LEU A 173 5.50 12.01 -6.36
CA LEU A 173 5.57 11.28 -5.09
C LEU A 173 5.31 12.21 -3.92
N TYR A 174 4.49 11.76 -2.98
CA TYR A 174 4.31 12.43 -1.70
C TYR A 174 4.85 11.52 -0.60
N SER A 175 5.50 12.12 0.40
CA SER A 175 5.93 11.40 1.59
CA SER A 175 5.91 11.40 1.59
C SER A 175 5.28 12.09 2.79
N TYR A 176 4.36 11.40 3.45
CA TYR A 176 3.67 11.94 4.61
C TYR A 176 4.13 11.23 5.88
N HIS A 177 4.07 11.95 6.99
N HIS A 177 4.03 11.94 6.99
CA HIS A 177 4.48 11.44 8.30
CA HIS A 177 4.38 11.36 8.27
C HIS A 177 3.66 12.11 9.37
C HIS A 177 3.59 12.07 9.35
N ARG A 178 3.50 11.42 10.50
CA ARG A 178 2.94 12.02 11.70
C ARG A 178 3.53 11.32 12.91
N SER A 179 3.32 11.90 14.08
CA SER A 179 3.91 11.37 15.30
C SER A 179 3.24 10.09 15.76
PA NAP B . -8.58 -5.48 -0.12
O1A NAP B . -8.47 -4.45 0.95
O2A NAP B . -7.33 -5.66 -0.90
O5B NAP B . -9.03 -6.91 0.51
C5B NAP B . -10.26 -6.93 1.18
C4B NAP B . -10.31 -8.32 1.81
O4B NAP B . -9.52 -8.29 2.86
C3B NAP B . -11.71 -8.63 2.38
O3B NAP B . -12.53 -9.12 1.36
C2B NAP B . -11.30 -9.66 3.44
O2B NAP B . -10.89 -10.90 2.76
C1B NAP B . -10.22 -9.14 4.00
N9A NAP B . -10.46 -8.18 5.07
C8A NAP B . -10.80 -6.89 5.04
N7A NAP B . -10.92 -6.46 6.31
C5A NAP B . -10.66 -7.50 7.12
C6A NAP B . -10.65 -7.60 8.51
N6A NAP B . -10.94 -6.57 9.47
N1A NAP B . -10.36 -8.75 9.08
C2A NAP B . -10.06 -9.85 8.30
N3A NAP B . -10.06 -9.75 6.96
C4A NAP B . -10.37 -8.56 6.37
O3 NAP B . -9.85 -5.21 -1.12
PN NAP B . -10.24 -3.79 -1.89
O1N NAP B . -10.63 -2.69 -0.92
O2N NAP B . -11.39 -4.23 -2.78
O5D NAP B . -8.92 -3.33 -2.77
C5D NAP B . -8.53 -4.16 -3.85
C4D NAP B . -8.44 -3.18 -5.02
O4D NAP B . -7.50 -2.28 -4.73
C3D NAP B . -8.01 -3.90 -6.31
O3D NAP B . -8.58 -3.27 -7.38
C2D NAP B . -6.50 -3.66 -6.30
O2D NAP B . -6.05 -3.81 -7.71
C1D NAP B . -6.38 -2.42 -5.86
N1N NAP B . -5.11 -2.03 -5.26
C2N NAP B . -4.54 -0.84 -5.59
C3N NAP B . -3.34 -0.44 -5.00
C7N NAP B . -2.72 0.87 -5.40
O7N NAP B . -1.83 1.31 -4.79
N7N NAP B . -3.26 1.57 -6.51
C4N NAP B . -2.73 -1.24 -4.06
C5N NAP B . -3.31 -2.44 -3.71
C6N NAP B . -4.52 -2.82 -4.30
P2B NAP B . -11.90 -12.21 2.54
O1X NAP B . -12.51 -12.58 3.86
O2X NAP B . -13.00 -11.76 1.55
O3X NAP B . -11.03 -13.29 1.92
C01 H0I C . 2.87 -1.11 -8.03
C02 H0I C . 1.45 -0.68 -7.56
C03 H0I C . 1.55 -0.08 -6.18
N04 H0I C . 2.22 1.08 -6.10
C05 H0I C . 2.34 1.67 -4.91
N06 H0I C . 3.02 2.84 -4.86
N07 H0I C . 1.84 1.16 -3.78
C08 H0I C . 1.17 0.02 -3.84
N09 H0I C . 0.65 -0.48 -2.70
C10 H0I C . 1.00 -0.67 -5.06
O11 H0I C . 0.29 -1.87 -5.10
C12 H0I C . 1.14 -3.06 -4.91
C13 H0I C . 0.26 -4.25 -4.58
C14 H0I C . -0.79 -4.56 -5.67
C15 H0I C . -0.22 -4.56 -7.08
O16 H0I C . 0.97 -5.34 -7.09
C17 H0I C . 1.86 -5.19 -8.13
C18 H0I C . 1.53 -4.68 -9.37
C19 H0I C . 2.52 -4.56 -10.34
C20 H0I C . 3.81 -4.95 -10.08
C21 H0I C . 4.16 -5.47 -8.82
C22 H0I C . 5.58 -5.88 -8.52
C23 H0I C . 6.44 -4.63 -8.22
C24 H0I C . 7.90 -4.93 -7.99
C25 H0I C . 8.12 -5.54 -6.55
O26 H0I C . 8.92 -6.52 -6.53
O27 H0I C . 7.49 -4.97 -5.62
C28 H0I C . 3.17 -5.58 -7.85
#